data_4QDI
#
_entry.id   4QDI
#
_cell.length_a   85.783
_cell.length_b   85.783
_cell.length_c   130.203
_cell.angle_alpha   90.00
_cell.angle_beta   90.00
_cell.angle_gamma   120.00
#
_symmetry.space_group_name_H-M   'P 32 2 1'
#
loop_
_entity.id
_entity.type
_entity.pdbx_description
1 polymer 'UDP-N-acetylmuramoyl-tripeptide--D-alanyl-D-alanine ligase'
2 non-polymer "ADENOSINE-5'-TRIPHOSPHATE"
3 non-polymer "URIDINE-5'-DIPHOSPHATE"
4 non-polymer 'MAGNESIUM ION'
5 non-polymer 1,2-ETHANEDIOL
6 water water
#
_entity_poly.entity_id   1
_entity_poly.type   'polypeptide(L)'
_entity_poly.pdbx_seq_one_letter_code
;HHHHHHMHTSTTSTVPLEPWTAQQLQQATQGYWHKDQIPQTEIKRILTDSRHAESGDAFLALKGERFDAHNFVAQVVANG
CQVAIVERPIDAEIAQLVVADTRLALGQLGAYRREQNAQLKVIALTGSSGKTTTKEMLGSILSRLAPTLITRGNLNNDLG
VPMMLLELRKEHQYAVMELGANHQGEIDYTSKIVQPHVAGILNIGTAHLGEFGGRDGICRAKSEIYRHILPQGVAIVPQQ
DDFTAEIREAAKSHQIMSFGEGGDVFATEIELLPQSANFQLHTPQGSSFVRLPFAGEHNVQNATAAVAFALALGVSLEDI
VKGLEQAQGAKGRLNFIQKAPHLFIDDTYNANPTSMRAAAQVLLQQNGIKVMVMGDIGELGDSSWQEHHDLGRDLAELPL
DHIVAVGQFASAALEGAGLHSTKLKAFQTQAEALPFLINLIQTHQPQSMSFLFKGSRFTHMETLMADLMEKL
;
_entity_poly.pdbx_strand_id   A
#
# COMPACT_ATOMS: atom_id res chain seq x y z
N VAL A 15 16.65 -4.51 -6.73
CA VAL A 15 17.80 -5.22 -7.36
C VAL A 15 19.09 -4.96 -6.58
N PRO A 16 20.12 -5.81 -6.79
CA PRO A 16 20.11 -6.96 -7.69
C PRO A 16 19.13 -8.03 -7.27
N LEU A 17 19.10 -9.12 -8.01
CA LEU A 17 18.22 -10.23 -7.70
C LEU A 17 19.07 -11.49 -7.61
N GLU A 18 18.72 -12.38 -6.71
CA GLU A 18 19.45 -13.62 -6.60
C GLU A 18 18.95 -14.45 -7.78
N PRO A 19 19.86 -14.92 -8.64
CA PRO A 19 19.48 -15.72 -9.81
C PRO A 19 18.86 -17.08 -9.50
N TRP A 20 18.26 -17.67 -10.52
CA TRP A 20 17.65 -18.99 -10.41
C TRP A 20 18.36 -19.93 -11.35
N THR A 21 18.40 -21.20 -11.00
CA THR A 21 19.00 -22.20 -11.88
C THR A 21 17.81 -22.88 -12.54
N ALA A 22 18.05 -23.58 -13.65
CA ALA A 22 16.96 -24.26 -14.32
C ALA A 22 16.34 -25.30 -13.38
N GLN A 23 17.20 -26.00 -12.64
CA GLN A 23 16.76 -27.02 -11.70
C GLN A 23 15.80 -26.45 -10.67
N GLN A 24 16.17 -25.33 -10.06
CA GLN A 24 15.33 -24.71 -9.04
C GLN A 24 13.97 -24.33 -9.63
N LEU A 25 13.96 -23.75 -10.84
CA LEU A 25 12.71 -23.38 -11.46
C LEU A 25 11.82 -24.61 -11.62
N GLN A 26 12.41 -25.67 -12.18
CA GLN A 26 11.69 -26.91 -12.43
C GLN A 26 11.17 -27.53 -11.15
N GLN A 27 12.01 -27.59 -10.12
CA GLN A 27 11.60 -28.19 -8.86
C GLN A 27 10.48 -27.44 -8.14
N ALA A 28 10.54 -26.11 -8.15
CA ALA A 28 9.51 -25.32 -7.47
C ALA A 28 8.16 -25.43 -8.17
N THR A 29 8.17 -25.60 -9.50
CA THR A 29 6.94 -25.68 -10.26
C THR A 29 6.55 -27.11 -10.65
N GLN A 30 7.52 -28.01 -10.61
CA GLN A 30 7.30 -29.40 -11.00
C GLN A 30 6.88 -29.45 -12.47
N GLY A 31 7.36 -28.49 -13.25
CA GLY A 31 7.05 -28.45 -14.66
C GLY A 31 8.07 -29.29 -15.41
N TYR A 32 8.05 -29.22 -16.74
CA TYR A 32 9.02 -29.97 -17.54
C TYR A 32 9.50 -29.11 -18.69
N TRP A 33 10.77 -29.27 -19.05
CA TRP A 33 11.34 -28.50 -20.14
C TRP A 33 10.92 -29.06 -21.48
N HIS A 34 10.21 -28.24 -22.26
CA HIS A 34 9.72 -28.63 -23.57
C HIS A 34 10.84 -29.22 -24.42
N LYS A 35 10.56 -30.37 -25.04
CA LYS A 35 11.52 -31.06 -25.90
C LYS A 35 12.90 -31.20 -25.26
N ASP A 36 12.93 -31.26 -23.93
CA ASP A 36 14.16 -31.40 -23.18
C ASP A 36 15.20 -30.30 -23.38
N GLN A 37 14.76 -29.13 -23.80
CA GLN A 37 15.66 -27.99 -23.98
C GLN A 37 15.84 -27.34 -22.61
N ILE A 38 16.95 -27.62 -21.96
CA ILE A 38 17.23 -27.07 -20.64
C ILE A 38 18.25 -25.93 -20.68
N PRO A 39 17.90 -24.77 -20.13
CA PRO A 39 18.81 -23.62 -20.12
C PRO A 39 20.13 -24.01 -19.45
N GLN A 40 21.25 -23.67 -20.07
CA GLN A 40 22.56 -23.99 -19.51
C GLN A 40 23.15 -22.84 -18.71
N THR A 41 22.44 -21.72 -18.69
CA THR A 41 22.87 -20.54 -17.94
C THR A 41 21.77 -20.23 -16.94
N GLU A 42 22.11 -19.50 -15.87
CA GLU A 42 21.12 -19.17 -14.86
C GLU A 42 20.17 -18.07 -15.31
N ILE A 43 19.01 -18.02 -14.65
CA ILE A 43 18.00 -17.01 -14.95
C ILE A 43 18.19 -15.89 -13.94
N LYS A 44 18.45 -14.68 -14.44
CA LYS A 44 18.69 -13.53 -13.58
C LYS A 44 17.43 -12.88 -13.05
N ARG A 45 16.33 -13.07 -13.75
CA ARG A 45 15.07 -12.44 -13.36
C ARG A 45 13.87 -13.14 -14.00
N ILE A 46 12.74 -13.11 -13.29
CA ILE A 46 11.50 -13.70 -13.77
C ILE A 46 10.50 -12.55 -13.91
N LEU A 47 10.07 -12.27 -15.14
CA LEU A 47 9.13 -11.18 -15.32
C LEU A 47 7.95 -11.59 -16.19
N THR A 48 6.89 -10.79 -16.11
CA THR A 48 5.65 -11.06 -16.84
C THR A 48 5.37 -10.02 -17.95
N ASP A 49 6.24 -9.03 -18.07
CA ASP A 49 6.07 -7.96 -19.07
C ASP A 49 6.88 -8.30 -20.35
N SER A 50 6.19 -8.66 -21.42
CA SER A 50 6.87 -9.04 -22.66
C SER A 50 7.71 -7.93 -23.30
N ARG A 51 7.46 -6.68 -22.91
CA ARG A 51 8.20 -5.56 -23.45
C ARG A 51 9.62 -5.47 -22.90
N HIS A 52 9.82 -6.00 -21.70
CA HIS A 52 11.11 -5.92 -21.03
C HIS A 52 11.93 -7.20 -20.93
N ALA A 53 11.35 -8.34 -21.30
CA ALA A 53 12.09 -9.60 -21.23
C ALA A 53 13.32 -9.51 -22.13
N GLU A 54 14.47 -9.95 -21.62
CA GLU A 54 15.70 -9.89 -22.41
C GLU A 54 16.56 -11.12 -22.13
N SER A 55 17.74 -11.16 -22.73
CA SER A 55 18.65 -12.28 -22.54
C SER A 55 18.97 -12.44 -21.06
N GLY A 56 18.75 -13.64 -20.53
CA GLY A 56 19.00 -13.89 -19.13
C GLY A 56 17.73 -13.99 -18.32
N ASP A 57 16.64 -13.43 -18.85
CA ASP A 57 15.36 -13.47 -18.15
C ASP A 57 14.58 -14.72 -18.51
N ALA A 58 13.56 -14.97 -17.71
CA ALA A 58 12.63 -16.05 -17.92
C ALA A 58 11.31 -15.32 -18.04
N PHE A 59 10.67 -15.43 -19.20
CA PHE A 59 9.38 -14.78 -19.41
C PHE A 59 8.25 -15.68 -18.93
N LEU A 60 7.53 -15.24 -17.91
CA LEU A 60 6.42 -16.00 -17.34
C LEU A 60 5.12 -15.50 -17.98
N ALA A 61 4.53 -16.31 -18.85
CA ALA A 61 3.30 -15.96 -19.57
C ALA A 61 2.02 -16.17 -18.79
N LEU A 62 1.37 -15.07 -18.42
CA LEU A 62 0.13 -15.15 -17.68
C LEU A 62 -1.05 -14.87 -18.59
N LYS A 63 -2.22 -15.40 -18.23
CA LYS A 63 -3.40 -15.14 -19.03
C LYS A 63 -4.50 -14.72 -18.06
N GLY A 64 -5.55 -14.10 -18.59
CA GLY A 64 -6.63 -13.66 -17.74
C GLY A 64 -7.84 -13.22 -18.53
N GLU A 65 -8.65 -12.35 -17.94
CA GLU A 65 -9.86 -11.86 -18.58
C GLU A 65 -9.52 -11.05 -19.83
N ARG A 66 -9.77 -11.66 -20.99
CA ARG A 66 -9.55 -11.03 -22.29
C ARG A 66 -8.10 -10.79 -22.70
N PHE A 67 -7.18 -11.60 -22.20
CA PHE A 67 -5.78 -11.44 -22.60
C PHE A 67 -5.00 -12.72 -22.32
N ASP A 68 -3.89 -12.87 -23.04
CA ASP A 68 -3.04 -14.03 -22.87
C ASP A 68 -1.63 -13.69 -23.30
N ALA A 69 -0.75 -13.49 -22.32
CA ALA A 69 0.62 -13.13 -22.61
C ALA A 69 1.34 -14.17 -23.47
N HIS A 70 0.74 -15.35 -23.65
CA HIS A 70 1.37 -16.35 -24.52
C HIS A 70 1.37 -15.75 -25.93
N ASN A 71 0.45 -14.84 -26.19
CA ASN A 71 0.35 -14.17 -27.50
C ASN A 71 1.60 -13.36 -27.83
N PHE A 72 2.36 -12.97 -26.81
CA PHE A 72 3.55 -12.14 -27.01
C PHE A 72 4.91 -12.82 -26.87
N VAL A 73 4.93 -14.14 -26.93
CA VAL A 73 6.20 -14.84 -26.77
C VAL A 73 7.22 -14.52 -27.85
N ALA A 74 6.75 -14.33 -29.09
CA ALA A 74 7.66 -14.02 -30.19
C ALA A 74 8.37 -12.70 -29.94
N GLN A 75 7.73 -11.80 -29.22
CA GLN A 75 8.33 -10.51 -28.91
C GLN A 75 9.51 -10.66 -27.97
N VAL A 76 9.41 -11.53 -26.95
CA VAL A 76 10.53 -11.69 -26.04
C VAL A 76 11.66 -12.44 -26.74
N VAL A 77 11.29 -13.34 -27.67
CA VAL A 77 12.30 -14.08 -28.42
C VAL A 77 13.09 -13.12 -29.31
N ALA A 78 12.38 -12.23 -29.99
CA ALA A 78 13.02 -11.25 -30.86
C ALA A 78 13.92 -10.31 -30.05
N ASN A 79 13.58 -10.14 -28.78
CA ASN A 79 14.36 -9.26 -27.91
C ASN A 79 15.52 -9.91 -27.17
N GLY A 80 15.78 -11.19 -27.45
CA GLY A 80 16.90 -11.86 -26.82
C GLY A 80 16.61 -12.85 -25.71
N CYS A 81 15.38 -12.89 -25.23
CA CYS A 81 15.01 -13.81 -24.15
C CYS A 81 15.03 -15.25 -24.67
N GLN A 82 15.68 -16.13 -23.92
CA GLN A 82 15.78 -17.53 -24.32
C GLN A 82 15.14 -18.50 -23.31
N VAL A 83 14.34 -17.97 -22.39
CA VAL A 83 13.68 -18.81 -21.41
C VAL A 83 12.29 -18.29 -21.13
N ALA A 84 11.31 -19.18 -21.13
CA ALA A 84 9.93 -18.81 -20.84
C ALA A 84 9.26 -19.88 -19.97
N ILE A 85 8.27 -19.46 -19.19
CA ILE A 85 7.51 -20.37 -18.34
C ILE A 85 6.10 -20.23 -18.87
N VAL A 86 5.59 -21.31 -19.46
CA VAL A 86 4.28 -21.30 -20.10
C VAL A 86 3.34 -22.44 -19.75
N GLU A 87 2.07 -22.30 -20.14
CA GLU A 87 1.07 -23.33 -19.89
C GLU A 87 0.95 -24.28 -21.07
N ARG A 88 1.44 -23.85 -22.23
CA ARG A 88 1.40 -24.67 -23.42
C ARG A 88 2.61 -24.37 -24.29
N PRO A 89 3.28 -25.42 -24.81
CA PRO A 89 4.45 -25.21 -25.64
C PRO A 89 4.15 -24.32 -26.84
N ILE A 90 5.03 -23.35 -27.07
CA ILE A 90 4.88 -22.42 -28.18
C ILE A 90 5.90 -22.77 -29.25
N ASP A 91 5.52 -22.58 -30.51
CA ASP A 91 6.41 -22.88 -31.62
C ASP A 91 7.36 -21.71 -31.84
N ALA A 92 8.50 -21.75 -31.15
CA ALA A 92 9.50 -20.69 -31.24
C ALA A 92 10.81 -21.19 -30.64
N GLU A 93 11.91 -20.52 -31.00
CA GLU A 93 13.22 -20.89 -30.51
C GLU A 93 13.48 -20.28 -29.13
N ILE A 94 13.04 -20.99 -28.09
CA ILE A 94 13.21 -20.54 -26.72
C ILE A 94 12.94 -21.70 -25.78
N ALA A 95 13.79 -21.87 -24.76
CA ALA A 95 13.60 -22.95 -23.80
C ALA A 95 12.28 -22.66 -23.07
N GLN A 96 11.45 -23.67 -22.91
CA GLN A 96 10.16 -23.47 -22.26
C GLN A 96 9.85 -24.43 -21.11
N LEU A 97 9.64 -23.88 -19.92
CA LEU A 97 9.28 -24.69 -18.76
C LEU A 97 7.75 -24.75 -18.79
N VAL A 98 7.22 -25.89 -19.20
CA VAL A 98 5.77 -26.06 -19.29
C VAL A 98 5.13 -26.44 -17.96
N VAL A 99 4.18 -25.62 -17.52
CA VAL A 99 3.46 -25.85 -16.27
C VAL A 99 1.97 -25.86 -16.56
N ALA A 100 1.18 -26.42 -15.65
CA ALA A 100 -0.26 -26.50 -15.82
C ALA A 100 -0.95 -25.14 -15.74
N ASP A 101 -0.53 -24.32 -14.79
CA ASP A 101 -1.14 -23.01 -14.56
C ASP A 101 -0.03 -22.04 -14.18
N THR A 102 0.20 -21.01 -15.02
CA THR A 102 1.26 -20.05 -14.74
C THR A 102 0.99 -19.12 -13.57
N ARG A 103 -0.27 -18.89 -13.23
CA ARG A 103 -0.57 -18.04 -12.09
C ARG A 103 -0.17 -18.81 -10.82
N LEU A 104 -0.47 -20.11 -10.80
CA LEU A 104 -0.11 -20.94 -9.64
C LEU A 104 1.41 -21.11 -9.59
N ALA A 105 2.04 -21.27 -10.76
CA ALA A 105 3.49 -21.45 -10.82
C ALA A 105 4.18 -20.24 -10.22
N LEU A 106 3.65 -19.05 -10.47
CA LEU A 106 4.24 -17.83 -9.93
C LEU A 106 4.16 -17.91 -8.40
N GLY A 107 3.00 -18.34 -7.89
CA GLY A 107 2.83 -18.47 -6.46
C GLY A 107 3.81 -19.49 -5.89
N GLN A 108 4.06 -20.57 -6.62
CA GLN A 108 4.97 -21.62 -6.19
C GLN A 108 6.43 -21.15 -6.20
N LEU A 109 6.78 -20.32 -7.17
CA LEU A 109 8.13 -19.79 -7.24
C LEU A 109 8.39 -18.87 -6.04
N GLY A 110 7.42 -18.03 -5.71
CA GLY A 110 7.57 -17.13 -4.58
C GLY A 110 7.63 -17.93 -3.28
N ALA A 111 6.76 -18.92 -3.16
CA ALA A 111 6.72 -19.75 -1.95
C ALA A 111 8.03 -20.52 -1.76
N TYR A 112 8.58 -21.03 -2.86
CA TYR A 112 9.84 -21.78 -2.84
C TYR A 112 11.00 -20.89 -2.39
N ARG A 113 11.07 -19.67 -2.91
CA ARG A 113 12.15 -18.76 -2.54
C ARG A 113 12.02 -18.38 -1.07
N ARG A 114 10.79 -18.16 -0.62
CA ARG A 114 10.52 -17.83 0.78
C ARG A 114 11.05 -18.94 1.68
N GLU A 115 10.75 -20.18 1.29
CA GLU A 115 11.15 -21.35 2.03
C GLU A 115 12.66 -21.55 2.08
N GLN A 116 13.35 -21.26 0.98
CA GLN A 116 14.80 -21.44 0.92
C GLN A 116 15.52 -20.44 1.83
N ASN A 117 14.88 -19.32 2.11
CA ASN A 117 15.47 -18.30 2.98
C ASN A 117 15.06 -18.53 4.42
N ALA A 118 15.61 -19.60 5.00
CA ALA A 118 15.32 -20.00 6.37
C ALA A 118 15.76 -19.02 7.45
N GLN A 119 16.59 -18.04 7.09
CA GLN A 119 17.06 -17.07 8.06
C GLN A 119 16.04 -15.97 8.33
N LEU A 120 15.00 -15.90 7.51
CA LEU A 120 13.97 -14.87 7.65
C LEU A 120 13.01 -14.95 8.82
N LYS A 121 12.57 -13.77 9.25
CA LYS A 121 11.56 -13.60 10.27
C LYS A 121 10.56 -12.82 9.43
N VAL A 122 9.36 -13.35 9.28
CA VAL A 122 8.36 -12.75 8.40
C VAL A 122 7.09 -12.21 9.02
N ILE A 123 6.69 -11.04 8.54
CA ILE A 123 5.46 -10.40 8.98
C ILE A 123 4.52 -10.33 7.79
N ALA A 124 3.24 -10.52 8.05
CA ALA A 124 2.19 -10.42 7.05
C ALA A 124 1.14 -9.57 7.74
N LEU A 125 0.68 -8.53 7.06
CA LEU A 125 -0.33 -7.68 7.67
C LEU A 125 -1.37 -7.28 6.65
N THR A 126 -2.56 -6.97 7.15
CA THR A 126 -3.65 -6.54 6.31
C THR A 126 -4.55 -5.65 7.16
N GLY A 127 -5.54 -5.06 6.50
CA GLY A 127 -6.48 -4.19 7.18
C GLY A 127 -7.15 -3.41 6.09
N SER A 128 -8.23 -2.70 6.41
CA SER A 128 -8.92 -1.92 5.39
C SER A 128 -8.15 -0.64 5.07
N SER A 129 -7.49 -0.08 6.08
CA SER A 129 -6.70 1.13 5.90
C SER A 129 -5.41 1.12 6.72
N GLY A 130 -4.42 1.90 6.27
CA GLY A 130 -3.17 2.00 6.97
C GLY A 130 -2.16 0.89 6.73
N LYS A 131 -2.41 0.01 5.75
CA LYS A 131 -1.48 -1.09 5.48
C LYS A 131 -0.11 -0.59 5.06
N THR A 132 -0.06 0.20 3.99
CA THR A 132 1.20 0.73 3.50
C THR A 132 1.94 1.59 4.50
N THR A 133 1.23 2.46 5.20
CA THR A 133 1.88 3.32 6.18
C THR A 133 2.52 2.47 7.27
N THR A 134 1.74 1.54 7.84
CA THR A 134 2.24 0.67 8.90
C THR A 134 3.43 -0.15 8.39
N LYS A 135 3.34 -0.58 7.14
CA LYS A 135 4.40 -1.36 6.52
C LYS A 135 5.68 -0.52 6.42
N GLU A 136 5.54 0.76 6.06
CA GLU A 136 6.68 1.65 5.96
C GLU A 136 7.32 1.85 7.34
N MET A 137 6.48 2.01 8.35
CA MET A 137 6.96 2.18 9.72
C MET A 137 7.78 0.97 10.15
N LEU A 138 7.30 -0.23 9.83
CA LEU A 138 8.01 -1.46 10.17
C LEU A 138 9.31 -1.54 9.38
N GLY A 139 9.25 -1.17 8.10
CA GLY A 139 10.46 -1.21 7.30
C GLY A 139 11.53 -0.31 7.89
N SER A 140 11.11 0.85 8.39
CA SER A 140 12.04 1.78 8.99
C SER A 140 12.68 1.13 10.21
N ILE A 141 11.85 0.58 11.09
CA ILE A 141 12.33 -0.08 12.29
C ILE A 141 13.28 -1.24 12.02
N LEU A 142 12.88 -2.15 11.13
CA LEU A 142 13.69 -3.32 10.82
C LEU A 142 14.94 -3.06 9.98
N SER A 143 14.86 -2.15 9.02
CA SER A 143 16.02 -1.87 8.19
C SER A 143 17.20 -1.29 8.97
N ARG A 144 16.92 -0.70 10.14
CA ARG A 144 17.99 -0.16 10.98
C ARG A 144 18.82 -1.33 11.52
N LEU A 145 18.14 -2.45 11.75
CA LEU A 145 18.78 -3.64 12.32
C LEU A 145 19.44 -4.59 11.33
N ALA A 146 18.76 -4.84 10.21
CA ALA A 146 19.30 -5.75 9.21
C ALA A 146 18.59 -5.58 7.86
N PRO A 147 19.15 -6.15 6.78
CA PRO A 147 18.51 -6.03 5.46
C PRO A 147 17.08 -6.50 5.57
N THR A 148 16.15 -5.68 5.08
CA THR A 148 14.74 -5.99 5.16
C THR A 148 14.03 -5.78 3.83
N LEU A 149 13.15 -6.70 3.47
CA LEU A 149 12.38 -6.58 2.24
C LEU A 149 10.94 -6.29 2.61
N ILE A 150 10.39 -5.22 2.08
CA ILE A 150 9.00 -4.87 2.35
C ILE A 150 8.27 -4.73 1.02
N THR A 151 6.95 -4.93 1.05
CA THR A 151 6.13 -4.83 -0.15
C THR A 151 6.35 -3.51 -0.87
N ARG A 152 6.40 -3.56 -2.21
CA ARG A 152 6.57 -2.35 -3.00
C ARG A 152 5.24 -2.01 -3.65
N GLY A 153 4.82 -0.76 -3.49
CA GLY A 153 3.58 -0.31 -4.08
C GLY A 153 2.38 -1.17 -3.71
N ASN A 154 1.60 -1.56 -4.71
CA ASN A 154 0.43 -2.38 -4.47
C ASN A 154 0.58 -3.84 -4.85
N LEU A 155 1.80 -4.37 -4.81
CA LEU A 155 2.02 -5.76 -5.14
C LEU A 155 1.64 -6.57 -3.90
N ASN A 156 0.34 -6.59 -3.62
CA ASN A 156 -0.17 -7.27 -2.44
C ASN A 156 -1.31 -8.24 -2.71
N ASN A 157 -1.45 -8.71 -3.95
CA ASN A 157 -2.52 -9.63 -4.28
C ASN A 157 -2.00 -11.02 -4.65
N ASP A 158 -2.87 -11.85 -5.23
CA ASP A 158 -2.46 -13.21 -5.55
C ASP A 158 -1.24 -13.31 -6.44
N LEU A 159 -0.99 -12.28 -7.25
CA LEU A 159 0.18 -12.27 -8.11
C LEU A 159 1.29 -11.38 -7.52
N GLY A 160 0.87 -10.26 -6.93
CA GLY A 160 1.82 -9.33 -6.34
C GLY A 160 2.65 -9.88 -5.20
N VAL A 161 2.00 -10.60 -4.29
CA VAL A 161 2.72 -11.15 -3.15
C VAL A 161 3.88 -12.03 -3.62
N PRO A 162 3.61 -13.03 -4.47
CA PRO A 162 4.73 -13.86 -4.91
C PRO A 162 5.78 -13.12 -5.73
N MET A 163 5.35 -12.12 -6.52
CA MET A 163 6.31 -11.34 -7.30
C MET A 163 7.30 -10.69 -6.32
N MET A 164 6.80 -10.19 -5.20
CA MET A 164 7.67 -9.56 -4.20
C MET A 164 8.67 -10.56 -3.59
N LEU A 165 8.20 -11.78 -3.32
CA LEU A 165 9.04 -12.79 -2.71
C LEU A 165 10.19 -13.21 -3.61
N LEU A 166 10.06 -12.96 -4.91
CA LEU A 166 11.14 -13.30 -5.84
C LEU A 166 12.34 -12.40 -5.58
N GLU A 167 12.09 -11.28 -4.90
CA GLU A 167 13.15 -10.33 -4.61
C GLU A 167 13.91 -10.63 -3.32
N LEU A 168 13.59 -11.76 -2.69
CA LEU A 168 14.28 -12.14 -1.46
C LEU A 168 15.71 -12.52 -1.78
N ARG A 169 16.61 -12.19 -0.86
CA ARG A 169 18.04 -12.47 -1.00
C ARG A 169 18.53 -13.09 0.31
N LYS A 170 19.66 -13.81 0.27
CA LYS A 170 20.18 -14.43 1.47
C LYS A 170 20.50 -13.42 2.57
N GLU A 171 20.77 -12.18 2.16
CA GLU A 171 21.10 -11.12 3.12
C GLU A 171 19.91 -10.68 3.96
N HIS A 172 18.71 -10.83 3.42
CA HIS A 172 17.49 -10.42 4.13
C HIS A 172 17.27 -11.21 5.42
N GLN A 173 17.03 -10.48 6.51
CA GLN A 173 16.79 -11.11 7.80
C GLN A 173 15.34 -10.92 8.17
N TYR A 174 14.69 -9.96 7.51
CA TYR A 174 13.29 -9.66 7.76
C TYR A 174 12.53 -9.42 6.45
N ALA A 175 11.23 -9.65 6.50
CA ALA A 175 10.34 -9.42 5.36
C ALA A 175 9.01 -8.93 5.92
N VAL A 176 8.48 -7.85 5.35
CA VAL A 176 7.21 -7.30 5.80
C VAL A 176 6.29 -7.33 4.59
N MET A 177 5.42 -8.33 4.57
CA MET A 177 4.50 -8.52 3.44
C MET A 177 3.11 -7.96 3.66
N GLU A 178 2.73 -7.02 2.81
CA GLU A 178 1.40 -6.44 2.88
C GLU A 178 0.45 -7.30 2.02
N LEU A 179 -0.71 -7.61 2.58
CA LEU A 179 -1.73 -8.41 1.90
C LEU A 179 -2.98 -7.53 1.79
N GLY A 180 -3.40 -7.22 0.58
CA GLY A 180 -4.55 -6.33 0.42
C GLY A 180 -5.90 -6.91 0.04
N ALA A 181 -6.00 -8.24 -0.01
CA ALA A 181 -7.25 -8.89 -0.40
C ALA A 181 -8.39 -8.62 0.60
N ASN A 182 -9.61 -8.62 0.09
CA ASN A 182 -10.79 -8.37 0.91
C ASN A 182 -11.84 -9.47 0.78
N HIS A 183 -11.62 -10.41 -0.12
CA HIS A 183 -12.60 -11.47 -0.36
C HIS A 183 -12.21 -12.85 0.13
N GLN A 184 -13.25 -13.58 0.52
CA GLN A 184 -13.16 -14.94 1.02
C GLN A 184 -12.13 -15.81 0.29
N GLY A 185 -11.21 -16.39 1.05
CA GLY A 185 -10.20 -17.27 0.48
C GLY A 185 -8.94 -16.62 -0.09
N GLU A 186 -9.01 -15.34 -0.39
CA GLU A 186 -7.86 -14.64 -0.96
C GLU A 186 -6.69 -14.47 0.00
N ILE A 187 -6.98 -14.14 1.25
CA ILE A 187 -5.93 -13.96 2.24
C ILE A 187 -5.29 -15.29 2.62
N ASP A 188 -6.08 -16.36 2.59
CA ASP A 188 -5.52 -17.67 2.92
C ASP A 188 -4.48 -18.02 1.88
N TYR A 189 -4.83 -17.75 0.62
CA TYR A 189 -3.93 -18.05 -0.50
C TYR A 189 -2.58 -17.34 -0.38
N THR A 190 -2.61 -16.02 -0.24
CA THR A 190 -1.37 -15.27 -0.14
C THR A 190 -0.61 -15.49 1.16
N SER A 191 -1.30 -15.61 2.28
CA SER A 191 -0.59 -15.80 3.54
C SER A 191 0.06 -17.19 3.63
N LYS A 192 -0.53 -18.18 2.95
CA LYS A 192 0.01 -19.53 2.96
C LYS A 192 1.34 -19.52 2.19
N ILE A 193 1.39 -18.69 1.15
CA ILE A 193 2.60 -18.57 0.35
C ILE A 193 3.67 -17.89 1.21
N VAL A 194 3.24 -16.88 1.96
CA VAL A 194 4.13 -16.10 2.81
C VAL A 194 4.71 -16.83 4.03
N GLN A 195 3.89 -17.64 4.70
CA GLN A 195 4.35 -18.38 5.89
C GLN A 195 4.96 -17.41 6.90
N PRO A 196 4.13 -16.54 7.51
CA PRO A 196 4.57 -15.54 8.48
C PRO A 196 4.77 -16.04 9.91
N HIS A 197 5.68 -15.39 10.62
CA HIS A 197 5.93 -15.72 12.02
C HIS A 197 4.98 -14.86 12.85
N VAL A 198 4.70 -13.66 12.34
CA VAL A 198 3.81 -12.71 13.00
C VAL A 198 2.83 -12.17 11.96
N ALA A 199 1.53 -12.21 12.25
CA ALA A 199 0.56 -11.72 11.29
C ALA A 199 -0.62 -11.10 12.01
N GLY A 200 -1.31 -10.19 11.35
CA GLY A 200 -2.45 -9.57 12.00
C GLY A 200 -3.23 -8.62 11.14
N ILE A 201 -4.28 -8.06 11.73
CA ILE A 201 -5.21 -7.15 11.08
C ILE A 201 -5.15 -5.76 11.71
N LEU A 202 -5.13 -4.70 10.89
CA LEU A 202 -5.08 -3.35 11.46
C LEU A 202 -6.48 -2.85 11.82
N ASN A 203 -7.44 -3.12 10.95
CA ASN A 203 -8.80 -2.68 11.19
C ASN A 203 -9.72 -3.25 10.11
N ILE A 204 -11.03 -3.14 10.33
CA ILE A 204 -12.03 -3.60 9.35
C ILE A 204 -12.82 -2.35 9.00
N GLY A 205 -12.74 -1.93 7.74
CA GLY A 205 -13.45 -0.74 7.32
C GLY A 205 -14.86 -0.97 6.82
N THR A 206 -15.29 -0.13 5.89
CA THR A 206 -16.62 -0.22 5.31
C THR A 206 -16.63 -1.12 4.09
N ALA A 207 -17.77 -1.74 3.82
CA ALA A 207 -17.93 -2.63 2.68
C ALA A 207 -18.54 -1.87 1.51
N HIS A 208 -18.16 -2.26 0.30
CA HIS A 208 -18.70 -1.61 -0.90
C HIS A 208 -20.21 -1.77 -1.00
N LEU A 209 -20.85 -0.79 -1.63
CA LEU A 209 -22.29 -0.82 -1.80
C LEU A 209 -22.76 -2.10 -2.49
N GLY A 210 -23.43 -2.96 -1.72
CA GLY A 210 -23.93 -4.21 -2.28
C GLY A 210 -22.88 -5.31 -2.26
N GLU A 211 -21.68 -4.99 -1.79
CA GLU A 211 -20.59 -5.96 -1.72
C GLU A 211 -21.01 -7.20 -0.95
N PHE A 212 -21.03 -8.35 -1.64
CA PHE A 212 -21.39 -9.62 -1.03
C PHE A 212 -20.61 -9.87 0.24
N GLY A 213 -21.31 -10.06 1.36
CA GLY A 213 -20.65 -10.31 2.63
C GLY A 213 -20.64 -9.12 3.57
N GLY A 214 -20.62 -7.92 3.02
CA GLY A 214 -20.61 -6.72 3.86
C GLY A 214 -19.34 -6.66 4.68
N ARG A 215 -19.39 -5.96 5.81
CA ARG A 215 -18.22 -5.83 6.67
C ARG A 215 -17.86 -7.17 7.30
N ASP A 216 -18.87 -7.99 7.60
CA ASP A 216 -18.63 -9.30 8.20
C ASP A 216 -17.78 -10.14 7.27
N GLY A 217 -18.01 -9.98 5.97
CA GLY A 217 -17.25 -10.74 4.98
C GLY A 217 -15.80 -10.30 4.94
N ILE A 218 -15.57 -9.00 5.12
CA ILE A 218 -14.21 -8.47 5.09
C ILE A 218 -13.47 -9.01 6.32
N CYS A 219 -14.16 -9.05 7.45
CA CYS A 219 -13.57 -9.56 8.68
C CYS A 219 -13.16 -11.02 8.54
N ARG A 220 -14.05 -11.85 7.99
CA ARG A 220 -13.74 -13.27 7.81
C ARG A 220 -12.60 -13.46 6.82
N ALA A 221 -12.57 -12.64 5.78
CA ALA A 221 -11.53 -12.72 4.77
C ALA A 221 -10.17 -12.39 5.36
N LYS A 222 -10.07 -11.22 5.99
CA LYS A 222 -8.81 -10.80 6.58
C LYS A 222 -8.40 -11.70 7.74
N SER A 223 -9.37 -12.29 8.44
CA SER A 223 -9.07 -13.19 9.56
C SER A 223 -8.35 -14.44 9.08
N GLU A 224 -8.37 -14.69 7.77
CA GLU A 224 -7.67 -15.84 7.21
C GLU A 224 -6.16 -15.66 7.40
N ILE A 225 -5.74 -14.43 7.69
CA ILE A 225 -4.31 -14.16 7.86
C ILE A 225 -3.66 -14.86 9.07
N TYR A 226 -4.47 -15.30 10.03
CA TYR A 226 -3.95 -16.00 11.21
C TYR A 226 -3.73 -17.50 10.98
N ARG A 227 -4.36 -18.05 9.96
CA ARG A 227 -4.29 -19.48 9.66
C ARG A 227 -2.92 -20.12 9.47
N HIS A 228 -2.00 -19.43 8.83
CA HIS A 228 -0.68 -20.03 8.57
C HIS A 228 0.49 -19.48 9.37
N ILE A 229 0.18 -18.86 10.51
CA ILE A 229 1.22 -18.33 11.37
C ILE A 229 2.03 -19.56 11.81
N LEU A 230 3.35 -19.46 11.73
CA LEU A 230 4.23 -20.55 12.12
C LEU A 230 4.24 -20.84 13.62
N PRO A 231 4.73 -22.03 14.02
CA PRO A 231 4.79 -22.42 15.43
C PRO A 231 5.49 -21.37 16.29
N GLN A 232 4.92 -21.10 17.45
CA GLN A 232 5.45 -20.11 18.38
C GLN A 232 5.39 -18.71 17.80
N GLY A 233 4.54 -18.53 16.79
CA GLY A 233 4.38 -17.24 16.16
C GLY A 233 3.45 -16.36 16.97
N VAL A 234 3.15 -15.19 16.46
CA VAL A 234 2.27 -14.28 17.17
C VAL A 234 1.21 -13.66 16.27
N ALA A 235 -0.01 -13.59 16.78
CA ALA A 235 -1.12 -13.00 16.07
C ALA A 235 -1.33 -11.59 16.63
N ILE A 236 -1.36 -10.59 15.76
CA ILE A 236 -1.59 -9.22 16.20
C ILE A 236 -3.06 -8.90 15.95
N VAL A 237 -3.73 -8.39 16.97
CA VAL A 237 -5.14 -8.05 16.87
C VAL A 237 -5.40 -6.61 17.28
N PRO A 238 -6.42 -5.97 16.65
CA PRO A 238 -6.77 -4.59 16.97
C PRO A 238 -7.75 -4.63 18.15
N GLN A 239 -7.43 -3.92 19.22
CA GLN A 239 -8.26 -3.91 20.41
C GLN A 239 -9.44 -2.93 20.31
N GLN A 240 -9.35 -1.99 19.38
CA GLN A 240 -10.42 -1.00 19.21
C GLN A 240 -10.99 -1.00 17.80
N ASP A 241 -11.71 -2.06 17.47
CA ASP A 241 -12.33 -2.22 16.17
C ASP A 241 -13.71 -2.84 16.42
N ASP A 242 -14.66 -2.60 15.53
CA ASP A 242 -15.98 -3.16 15.71
C ASP A 242 -15.95 -4.68 15.70
N PHE A 243 -14.86 -5.25 15.17
CA PHE A 243 -14.73 -6.69 15.09
C PHE A 243 -13.65 -7.30 16.01
N THR A 244 -13.20 -6.54 16.99
CA THR A 244 -12.18 -7.02 17.92
C THR A 244 -12.48 -8.41 18.49
N ALA A 245 -13.68 -8.60 19.05
CA ALA A 245 -14.04 -9.88 19.63
C ALA A 245 -13.95 -11.02 18.60
N GLU A 246 -14.52 -10.79 17.41
CA GLU A 246 -14.49 -11.81 16.36
C GLU A 246 -13.07 -12.11 15.90
N ILE A 247 -12.24 -11.07 15.79
CA ILE A 247 -10.85 -11.25 15.36
C ILE A 247 -10.05 -12.02 16.43
N ARG A 248 -10.29 -11.73 17.71
CA ARG A 248 -9.57 -12.45 18.77
C ARG A 248 -9.90 -13.94 18.74
N GLU A 249 -11.14 -14.27 18.44
CA GLU A 249 -11.54 -15.67 18.34
C GLU A 249 -10.80 -16.37 17.19
N ALA A 250 -10.71 -15.68 16.06
CA ALA A 250 -10.02 -16.23 14.90
C ALA A 250 -8.53 -16.47 15.12
N ALA A 251 -7.94 -15.73 16.05
CA ALA A 251 -6.52 -15.86 16.35
C ALA A 251 -6.24 -16.72 17.58
N LYS A 252 -7.28 -17.30 18.17
CA LYS A 252 -7.11 -18.09 19.39
C LYS A 252 -6.11 -19.24 19.35
N SER A 253 -5.77 -19.73 18.16
CA SER A 253 -4.82 -20.84 18.04
C SER A 253 -3.38 -20.35 18.08
N HIS A 254 -3.19 -19.06 18.35
CA HIS A 254 -1.85 -18.48 18.40
C HIS A 254 -1.70 -17.56 19.60
N GLN A 255 -0.45 -17.27 19.94
CA GLN A 255 -0.16 -16.35 21.03
C GLN A 255 -0.64 -15.00 20.48
N ILE A 256 -1.27 -14.20 21.32
CA ILE A 256 -1.80 -12.92 20.88
C ILE A 256 -1.24 -11.67 21.55
N MET A 257 -1.07 -10.62 20.76
CA MET A 257 -0.64 -9.32 21.25
C MET A 257 -1.60 -8.34 20.58
N SER A 258 -2.05 -7.34 21.32
CA SER A 258 -3.00 -6.38 20.75
C SER A 258 -2.48 -4.94 20.79
N PHE A 259 -3.10 -4.08 19.98
CA PHE A 259 -2.73 -2.67 19.98
C PHE A 259 -4.02 -1.85 20.01
N GLY A 260 -3.92 -0.65 20.58
CA GLY A 260 -5.08 0.22 20.69
C GLY A 260 -5.50 0.36 22.14
N GLU A 261 -6.39 1.31 22.40
CA GLU A 261 -6.88 1.56 23.75
C GLU A 261 -7.31 0.26 24.43
N GLY A 262 -6.86 0.04 25.65
CA GLY A 262 -7.22 -1.17 26.38
C GLY A 262 -6.40 -2.39 26.00
N GLY A 263 -5.51 -2.22 25.02
CA GLY A 263 -4.68 -3.34 24.59
C GLY A 263 -3.29 -3.34 25.19
N ASP A 264 -2.42 -4.18 24.63
CA ASP A 264 -1.03 -4.32 25.08
C ASP A 264 -0.19 -3.10 24.70
N VAL A 265 -0.38 -2.61 23.49
CA VAL A 265 0.35 -1.46 22.98
C VAL A 265 -0.63 -0.32 22.69
N PHE A 266 -0.50 0.79 23.40
CA PHE A 266 -1.40 1.92 23.20
C PHE A 266 -0.71 3.26 23.46
N ALA A 267 -1.34 4.34 22.98
CA ALA A 267 -0.79 5.68 23.14
C ALA A 267 -1.65 6.55 24.03
N THR A 268 -0.98 7.42 24.80
CA THR A 268 -1.67 8.36 25.69
C THR A 268 -1.11 9.77 25.45
N GLU A 269 -1.80 10.76 26.01
CA GLU A 269 -1.45 12.18 25.87
C GLU A 269 -0.98 12.55 24.47
N ILE A 270 -1.79 12.19 23.48
CA ILE A 270 -1.49 12.49 22.08
C ILE A 270 -1.61 13.99 21.80
N GLU A 271 -0.62 14.53 21.09
CA GLU A 271 -0.63 15.95 20.71
C GLU A 271 -0.44 15.99 19.20
N LEU A 272 -1.49 16.36 18.48
CA LEU A 272 -1.41 16.44 17.03
C LEU A 272 -0.82 17.77 16.60
N LEU A 273 0.42 17.73 16.13
CA LEU A 273 1.09 18.93 15.67
C LEU A 273 0.83 19.06 14.17
N PRO A 274 1.17 20.21 13.57
CA PRO A 274 0.95 20.45 12.15
C PRO A 274 1.45 19.38 11.19
N GLN A 275 2.68 18.89 11.41
CA GLN A 275 3.26 17.87 10.54
C GLN A 275 3.76 16.63 11.29
N SER A 276 3.32 16.47 12.53
CA SER A 276 3.76 15.32 13.33
C SER A 276 2.82 15.08 14.48
N ALA A 277 3.18 14.11 15.32
CA ALA A 277 2.37 13.76 16.48
C ALA A 277 3.26 13.31 17.63
N ASN A 278 2.95 13.80 18.83
CA ASN A 278 3.68 13.44 20.05
C ASN A 278 2.76 12.57 20.90
N PHE A 279 3.31 11.55 21.55
CA PHE A 279 2.52 10.70 22.43
C PHE A 279 3.39 9.83 23.31
N GLN A 280 2.81 9.35 24.41
CA GLN A 280 3.52 8.45 25.30
C GLN A 280 3.08 7.06 24.86
N LEU A 281 4.07 6.21 24.57
CA LEU A 281 3.80 4.86 24.11
C LEU A 281 3.90 3.87 25.27
N HIS A 282 2.89 3.01 25.42
CA HIS A 282 2.87 2.02 26.49
C HIS A 282 2.92 0.61 25.88
N THR A 283 3.78 -0.25 26.42
CA THR A 283 3.91 -1.62 25.93
C THR A 283 4.27 -2.57 27.07
N PRO A 284 4.16 -3.88 26.85
CA PRO A 284 4.48 -4.86 27.89
C PRO A 284 5.98 -4.87 28.16
N GLN A 285 6.73 -4.18 27.30
CA GLN A 285 8.18 -4.09 27.42
C GLN A 285 8.62 -2.71 27.93
N GLY A 286 7.69 -1.97 28.52
CA GLY A 286 8.02 -0.63 29.03
C GLY A 286 7.40 0.49 28.23
N SER A 287 7.66 1.73 28.65
CA SER A 287 7.10 2.89 27.97
C SER A 287 8.17 3.84 27.44
N SER A 288 7.74 4.75 26.57
CA SER A 288 8.63 5.73 25.99
C SER A 288 7.83 6.84 25.33
N PHE A 289 8.37 8.05 25.35
CA PHE A 289 7.70 9.14 24.68
C PHE A 289 8.06 8.96 23.22
N VAL A 290 7.20 9.40 22.31
CA VAL A 290 7.51 9.27 20.90
C VAL A 290 7.19 10.57 20.16
N ARG A 291 8.12 11.04 19.34
CA ARG A 291 7.87 12.22 18.52
C ARG A 291 7.78 11.65 17.10
N LEU A 292 6.57 11.24 16.73
CA LEU A 292 6.28 10.62 15.43
C LEU A 292 6.15 11.61 14.28
N PRO A 293 7.04 11.50 13.28
CA PRO A 293 7.04 12.38 12.12
C PRO A 293 5.94 12.12 11.08
N PHE A 294 4.74 11.86 11.56
CA PHE A 294 3.58 11.63 10.71
C PHE A 294 2.46 12.44 11.35
N ALA A 295 1.55 12.96 10.53
CA ALA A 295 0.44 13.75 11.06
C ALA A 295 -0.85 12.97 11.20
N GLY A 296 -1.67 13.33 12.19
CA GLY A 296 -2.95 12.68 12.37
C GLY A 296 -3.05 11.51 13.33
N GLU A 297 -4.22 11.35 13.93
CA GLU A 297 -4.49 10.28 14.88
C GLU A 297 -4.44 8.89 14.25
N HIS A 298 -4.81 8.79 12.97
CA HIS A 298 -4.77 7.49 12.31
C HIS A 298 -3.33 7.00 12.25
N ASN A 299 -2.39 7.92 12.01
CA ASN A 299 -0.99 7.49 11.92
C ASN A 299 -0.44 7.12 13.29
N VAL A 300 -1.03 7.66 14.35
CA VAL A 300 -0.61 7.31 15.70
C VAL A 300 -1.06 5.86 15.90
N GLN A 301 -2.27 5.55 15.44
CA GLN A 301 -2.79 4.18 15.53
C GLN A 301 -1.92 3.23 14.73
N ASN A 302 -1.52 3.65 13.53
CA ASN A 302 -0.65 2.80 12.73
C ASN A 302 0.66 2.58 13.47
N ALA A 303 1.16 3.62 14.12
CA ALA A 303 2.40 3.50 14.86
C ALA A 303 2.28 2.45 15.96
N THR A 304 1.19 2.47 16.70
CA THR A 304 1.01 1.50 17.77
C THR A 304 0.97 0.08 17.18
N ALA A 305 0.36 -0.09 16.01
CA ALA A 305 0.29 -1.41 15.39
C ALA A 305 1.71 -1.86 15.04
N ALA A 306 2.48 -0.97 14.42
CA ALA A 306 3.85 -1.30 14.04
C ALA A 306 4.65 -1.73 15.27
N VAL A 307 4.43 -1.04 16.38
CA VAL A 307 5.12 -1.36 17.63
C VAL A 307 4.81 -2.80 18.06
N ALA A 308 3.53 -3.16 18.04
CA ALA A 308 3.12 -4.52 18.43
C ALA A 308 3.76 -5.55 17.50
N PHE A 309 3.70 -5.31 16.19
CA PHE A 309 4.30 -6.23 15.23
C PHE A 309 5.80 -6.39 15.51
N ALA A 310 6.48 -5.28 15.81
CA ALA A 310 7.92 -5.29 16.06
C ALA A 310 8.25 -5.99 17.38
N LEU A 311 7.44 -5.74 18.42
CA LEU A 311 7.70 -6.38 19.69
C LEU A 311 7.55 -7.91 19.53
N ALA A 312 6.59 -8.33 18.71
CA ALA A 312 6.37 -9.75 18.49
C ALA A 312 7.59 -10.41 17.84
N LEU A 313 8.40 -9.61 17.17
CA LEU A 313 9.62 -10.11 16.52
C LEU A 313 10.82 -10.01 17.46
N GLY A 314 10.59 -9.55 18.68
CA GLY A 314 11.68 -9.42 19.64
C GLY A 314 12.52 -8.16 19.52
N VAL A 315 12.07 -7.18 18.76
CA VAL A 315 12.83 -5.94 18.63
C VAL A 315 12.65 -5.15 19.93
N SER A 316 13.75 -4.58 20.44
CA SER A 316 13.68 -3.81 21.69
C SER A 316 12.85 -2.54 21.53
N LEU A 317 12.30 -2.05 22.63
CA LEU A 317 11.49 -0.84 22.58
C LEU A 317 12.33 0.33 22.09
N GLU A 318 13.59 0.36 22.52
CA GLU A 318 14.51 1.42 22.14
C GLU A 318 14.67 1.49 20.63
N ASP A 319 14.90 0.34 20.00
CA ASP A 319 15.06 0.32 18.55
C ASP A 319 13.75 0.62 17.83
N ILE A 320 12.63 0.25 18.42
CA ILE A 320 11.33 0.51 17.81
C ILE A 320 11.09 2.03 17.74
N VAL A 321 11.31 2.72 18.84
CA VAL A 321 11.13 4.17 18.89
C VAL A 321 12.07 4.85 17.89
N LYS A 322 13.34 4.45 17.88
CA LYS A 322 14.30 5.03 16.95
C LYS A 322 13.81 4.83 15.52
N GLY A 323 13.27 3.65 15.23
CA GLY A 323 12.77 3.37 13.89
C GLY A 323 11.57 4.24 13.55
N LEU A 324 10.68 4.42 14.51
CA LEU A 324 9.48 5.23 14.28
C LEU A 324 9.81 6.71 14.05
N GLU A 325 10.75 7.23 14.83
CA GLU A 325 11.10 8.65 14.72
C GLU A 325 11.86 9.04 13.45
N GLN A 326 12.37 8.07 12.69
CA GLN A 326 13.04 8.41 11.45
C GLN A 326 12.35 7.77 10.25
N ALA A 327 11.14 7.26 10.47
CA ALA A 327 10.38 6.64 9.39
C ALA A 327 9.82 7.71 8.48
N GLN A 328 9.63 7.37 7.20
CA GLN A 328 9.10 8.31 6.22
C GLN A 328 7.83 7.73 5.61
N GLY A 329 6.86 8.59 5.35
CA GLY A 329 5.61 8.12 4.77
C GLY A 329 5.75 7.70 3.33
N ALA A 330 4.78 6.91 2.86
CA ALA A 330 4.79 6.45 1.48
C ALA A 330 4.35 7.62 0.60
N LYS A 331 4.66 7.55 -0.69
CA LYS A 331 4.30 8.61 -1.62
C LYS A 331 2.79 8.80 -1.68
N GLY A 332 2.35 10.05 -1.60
CA GLY A 332 0.92 10.32 -1.67
C GLY A 332 0.19 10.21 -0.35
N ARG A 333 0.94 9.94 0.73
CA ARG A 333 0.35 9.84 2.06
C ARG A 333 0.86 11.00 2.91
N LEU A 334 0.14 12.12 2.87
CA LEU A 334 0.51 13.31 3.62
C LEU A 334 2.00 13.63 3.62
N ASN A 335 2.56 13.85 2.43
CA ASN A 335 3.98 14.21 2.30
C ASN A 335 4.09 15.73 2.23
N PHE A 336 4.66 16.33 3.27
CA PHE A 336 4.80 17.79 3.28
C PHE A 336 5.98 18.25 2.45
N ILE A 337 5.68 19.01 1.40
CA ILE A 337 6.71 19.52 0.50
C ILE A 337 6.74 21.04 0.58
N GLN A 338 7.79 21.58 1.20
CA GLN A 338 7.94 23.02 1.34
C GLN A 338 8.68 23.61 0.15
N LYS A 339 8.08 24.61 -0.47
CA LYS A 339 8.67 25.27 -1.62
C LYS A 339 8.53 26.79 -1.50
N ALA A 340 9.61 27.45 -1.13
CA ALA A 340 9.60 28.90 -0.97
C ALA A 340 8.56 29.21 0.12
N PRO A 341 7.99 30.44 0.15
CA PRO A 341 7.01 30.67 1.22
C PRO A 341 5.71 29.89 1.01
N HIS A 342 5.79 28.79 0.25
CA HIS A 342 4.62 27.97 -0.01
C HIS A 342 4.78 26.54 0.48
N LEU A 343 3.67 25.92 0.83
CA LEU A 343 3.66 24.54 1.31
C LEU A 343 2.86 23.67 0.35
N PHE A 344 3.37 22.48 0.07
CA PHE A 344 2.70 21.53 -0.82
C PHE A 344 2.60 20.15 -0.18
N ILE A 345 1.39 19.80 0.28
CA ILE A 345 1.15 18.52 0.92
C ILE A 345 0.66 17.49 -0.09
N ASP A 346 1.52 16.58 -0.50
CA ASP A 346 1.13 15.53 -1.45
C ASP A 346 0.43 14.37 -0.76
N ASP A 347 -0.89 14.42 -0.78
CA ASP A 347 -1.72 13.39 -0.17
C ASP A 347 -2.63 12.84 -1.28
N THR A 348 -2.07 12.67 -2.47
CA THR A 348 -2.81 12.21 -3.63
C THR A 348 -3.04 10.70 -3.82
N TYR A 349 -2.31 9.87 -3.09
CA TYR A 349 -2.48 8.42 -3.24
C TYR A 349 -3.91 7.99 -3.55
N ASN A 350 -4.83 8.29 -2.63
CA ASN A 350 -6.24 7.93 -2.81
C ASN A 350 -7.11 8.93 -2.05
N ALA A 351 -8.40 8.65 -1.99
CA ALA A 351 -9.34 9.53 -1.30
C ALA A 351 -10.75 8.96 -1.23
N ASN A 352 -11.44 9.23 -0.13
CA ASN A 352 -12.80 8.77 0.07
C ASN A 352 -13.60 9.83 0.82
N PRO A 353 -14.84 9.50 1.15
CA PRO A 353 -15.72 10.42 1.87
C PRO A 353 -15.03 11.05 3.08
N THR A 354 -14.67 10.21 4.05
CA THR A 354 -14.01 10.67 5.27
C THR A 354 -12.65 11.31 5.00
N SER A 355 -11.74 10.52 4.43
CA SER A 355 -10.39 10.96 4.12
C SER A 355 -10.30 12.37 3.55
N MET A 356 -11.25 12.74 2.69
CA MET A 356 -11.25 14.05 2.08
C MET A 356 -11.51 15.17 3.08
N ARG A 357 -12.41 14.91 4.04
CA ARG A 357 -12.72 15.91 5.06
C ARG A 357 -11.62 15.96 6.12
N ALA A 358 -10.93 14.85 6.31
CA ALA A 358 -9.85 14.78 7.28
C ALA A 358 -8.65 15.58 6.79
N ALA A 359 -8.33 15.42 5.52
CA ALA A 359 -7.21 16.14 4.91
C ALA A 359 -7.43 17.64 5.00
N ALA A 360 -8.67 18.07 4.83
CA ALA A 360 -9.01 19.49 4.91
C ALA A 360 -8.53 20.08 6.23
N GLN A 361 -8.73 19.35 7.31
CA GLN A 361 -8.31 19.81 8.63
C GLN A 361 -6.80 19.96 8.69
N VAL A 362 -6.08 18.91 8.30
CA VAL A 362 -4.62 18.94 8.31
C VAL A 362 -4.15 20.20 7.59
N LEU A 363 -4.88 20.57 6.54
CA LEU A 363 -4.54 21.76 5.77
C LEU A 363 -4.76 22.99 6.65
N LEU A 364 -5.81 22.94 7.46
CA LEU A 364 -6.15 24.04 8.36
C LEU A 364 -5.06 24.25 9.40
N GLN A 365 -4.58 23.15 9.99
CA GLN A 365 -3.54 23.22 11.01
C GLN A 365 -2.28 23.91 10.48
N GLN A 366 -2.21 24.12 9.17
CA GLN A 366 -1.05 24.77 8.58
C GLN A 366 -1.16 26.28 8.66
N ASN A 367 -0.14 26.97 8.15
CA ASN A 367 -0.12 28.43 8.17
C ASN A 367 -0.50 29.01 6.81
N GLY A 368 -0.64 30.33 6.75
CA GLY A 368 -0.95 31.02 5.52
C GLY A 368 -2.27 30.74 4.82
N ILE A 369 -2.29 31.01 3.52
CA ILE A 369 -3.46 30.83 2.65
C ILE A 369 -3.73 29.37 2.31
N LYS A 370 -4.85 28.84 2.81
CA LYS A 370 -5.25 27.44 2.59
C LYS A 370 -6.08 27.19 1.34
N VAL A 371 -5.52 26.39 0.43
CA VAL A 371 -6.18 26.03 -0.82
C VAL A 371 -6.07 24.52 -1.05
N MET A 372 -7.20 23.83 -0.99
CA MET A 372 -7.24 22.38 -1.17
C MET A 372 -7.62 21.96 -2.59
N VAL A 373 -6.63 21.49 -3.34
CA VAL A 373 -6.82 21.05 -4.72
C VAL A 373 -7.24 19.58 -4.74
N MET A 374 -8.54 19.33 -4.78
CA MET A 374 -9.07 17.98 -4.78
C MET A 374 -9.51 17.47 -6.15
N GLY A 375 -9.50 16.15 -6.29
CA GLY A 375 -9.91 15.51 -7.53
C GLY A 375 -11.16 14.69 -7.27
N ASP A 376 -11.55 13.85 -8.21
CA ASP A 376 -12.76 13.05 -8.04
C ASP A 376 -12.58 11.91 -7.04
N ILE A 377 -13.59 11.70 -6.20
CA ILE A 377 -13.59 10.61 -5.24
C ILE A 377 -14.29 9.52 -6.04
N GLY A 378 -13.50 8.61 -6.62
CA GLY A 378 -14.07 7.59 -7.49
C GLY A 378 -14.39 6.19 -7.04
N GLU A 379 -15.65 5.99 -6.68
CA GLU A 379 -16.18 4.70 -6.27
C GLU A 379 -17.50 4.84 -5.50
N LEU A 380 -18.15 5.99 -5.70
CA LEU A 380 -19.44 6.28 -5.09
C LEU A 380 -20.44 6.20 -6.24
N GLY A 381 -20.55 4.99 -6.79
CA GLY A 381 -21.44 4.71 -7.91
C GLY A 381 -22.39 5.78 -8.39
N ASP A 382 -23.50 5.96 -7.68
CA ASP A 382 -24.48 6.96 -8.07
C ASP A 382 -24.43 8.23 -7.23
N SER A 383 -23.86 8.12 -6.03
CA SER A 383 -23.76 9.27 -5.14
C SER A 383 -22.58 10.16 -5.49
N SER A 384 -22.00 9.95 -6.68
CA SER A 384 -20.86 10.75 -7.11
C SER A 384 -21.23 12.22 -7.14
N TRP A 385 -22.49 12.51 -7.45
CA TRP A 385 -22.96 13.88 -7.49
C TRP A 385 -23.35 14.33 -6.08
N GLN A 386 -24.08 13.47 -5.38
CA GLN A 386 -24.53 13.76 -4.03
C GLN A 386 -23.34 13.91 -3.07
N GLU A 387 -22.38 13.01 -3.19
CA GLU A 387 -21.19 13.04 -2.34
C GLU A 387 -20.41 14.34 -2.56
N HIS A 388 -20.00 14.58 -3.79
CA HIS A 388 -19.24 15.77 -4.15
C HIS A 388 -20.04 17.05 -3.83
N HIS A 389 -21.36 16.93 -3.87
CA HIS A 389 -22.23 18.07 -3.59
C HIS A 389 -22.12 18.46 -2.12
N ASP A 390 -22.39 17.51 -1.23
CA ASP A 390 -22.32 17.76 0.21
C ASP A 390 -20.91 18.13 0.64
N LEU A 391 -19.92 17.46 0.07
CA LEU A 391 -18.52 17.73 0.39
C LEU A 391 -18.18 19.19 0.14
N GLY A 392 -18.32 19.61 -1.11
CA GLY A 392 -18.02 20.99 -1.46
C GLY A 392 -18.79 21.98 -0.60
N ARG A 393 -19.91 21.53 -0.06
CA ARG A 393 -20.76 22.35 0.79
C ARG A 393 -20.12 22.53 2.17
N ASP A 394 -19.72 21.41 2.77
CA ASP A 394 -19.10 21.43 4.10
C ASP A 394 -17.65 21.90 4.03
N LEU A 395 -16.93 21.50 2.98
CA LEU A 395 -15.53 21.89 2.81
C LEU A 395 -15.42 23.39 2.59
N ALA A 396 -16.36 23.96 1.83
CA ALA A 396 -16.36 25.39 1.55
C ALA A 396 -16.92 26.16 2.75
N GLU A 397 -17.35 25.40 3.77
CA GLU A 397 -17.91 26.01 4.98
C GLU A 397 -16.83 26.09 6.05
N LEU A 398 -15.65 25.56 5.74
CA LEU A 398 -14.52 25.57 6.66
C LEU A 398 -13.66 26.81 6.44
N PRO A 399 -12.76 27.12 7.40
CA PRO A 399 -11.87 28.28 7.33
C PRO A 399 -10.97 28.31 6.08
N LEU A 400 -11.24 27.42 5.14
CA LEU A 400 -10.46 27.33 3.92
C LEU A 400 -10.67 28.57 3.04
N ASP A 401 -9.63 28.94 2.30
CA ASP A 401 -9.70 30.11 1.43
C ASP A 401 -10.21 29.76 0.04
N HIS A 402 -9.47 28.90 -0.66
CA HIS A 402 -9.85 28.47 -2.01
C HIS A 402 -9.96 26.95 -2.07
N ILE A 403 -10.91 26.45 -2.86
CA ILE A 403 -11.11 25.02 -3.01
C ILE A 403 -11.19 24.63 -4.48
N VAL A 404 -10.03 24.31 -5.06
CA VAL A 404 -9.97 23.92 -6.47
C VAL A 404 -10.40 22.46 -6.64
N ALA A 405 -11.45 22.25 -7.41
CA ALA A 405 -11.97 20.91 -7.66
C ALA A 405 -11.85 20.53 -9.13
N VAL A 406 -11.05 19.50 -9.41
CA VAL A 406 -10.83 19.03 -10.77
C VAL A 406 -11.50 17.67 -10.98
N GLY A 407 -12.06 17.47 -12.16
CA GLY A 407 -12.72 16.21 -12.46
C GLY A 407 -14.05 16.35 -13.17
N GLN A 408 -14.72 15.23 -13.39
CA GLN A 408 -16.03 15.21 -14.05
C GLN A 408 -17.14 15.54 -13.06
N PHE A 409 -16.88 15.28 -11.78
CA PHE A 409 -17.86 15.56 -10.75
C PHE A 409 -17.45 16.80 -9.96
N ALA A 410 -16.63 17.64 -10.58
CA ALA A 410 -16.17 18.87 -9.95
C ALA A 410 -17.30 19.89 -9.89
N SER A 411 -18.17 19.85 -10.88
CA SER A 411 -19.31 20.76 -10.94
C SER A 411 -20.29 20.41 -9.82
N ALA A 412 -20.31 19.13 -9.45
CA ALA A 412 -21.18 18.65 -8.38
C ALA A 412 -20.80 19.31 -7.07
N ALA A 413 -19.53 19.68 -6.94
CA ALA A 413 -19.04 20.32 -5.74
C ALA A 413 -19.38 21.81 -5.76
N LEU A 414 -19.26 22.43 -6.93
CA LEU A 414 -19.57 23.84 -7.08
C LEU A 414 -21.03 24.11 -6.74
N GLU A 415 -21.91 23.20 -7.14
CA GLU A 415 -23.33 23.33 -6.86
C GLU A 415 -23.58 23.13 -5.38
N GLY A 416 -22.84 22.18 -4.79
CA GLY A 416 -23.00 21.90 -3.37
C GLY A 416 -22.50 23.04 -2.50
N ALA A 417 -21.51 23.78 -3.01
CA ALA A 417 -20.94 24.91 -2.28
C ALA A 417 -22.03 25.78 -1.69
N GLY A 418 -23.11 25.97 -2.45
CA GLY A 418 -24.22 26.78 -1.99
C GLY A 418 -23.83 28.21 -1.65
N LEU A 419 -23.88 28.55 -0.37
CA LEU A 419 -23.53 29.89 0.08
C LEU A 419 -22.01 30.05 0.18
N HIS A 420 -21.30 29.24 -0.58
CA HIS A 420 -19.83 29.29 -0.59
C HIS A 420 -19.31 28.99 -2.00
N SER A 421 -19.98 29.56 -3.01
CA SER A 421 -19.60 29.35 -4.41
C SER A 421 -18.44 30.24 -4.83
N THR A 422 -18.19 31.30 -4.06
CA THR A 422 -17.10 32.22 -4.36
C THR A 422 -15.78 31.69 -3.82
N LYS A 423 -15.87 30.62 -3.04
CA LYS A 423 -14.71 29.99 -2.43
C LYS A 423 -14.25 28.78 -3.24
N LEU A 424 -15.20 28.12 -3.91
CA LEU A 424 -14.88 26.94 -4.71
C LEU A 424 -15.02 27.22 -6.21
N LYS A 425 -14.04 26.77 -6.98
CA LYS A 425 -14.03 26.95 -8.43
C LYS A 425 -13.78 25.61 -9.12
N ALA A 426 -14.86 25.00 -9.61
CA ALA A 426 -14.79 23.70 -10.28
C ALA A 426 -13.86 23.69 -11.49
N PHE A 427 -13.58 22.48 -12.00
CA PHE A 427 -12.71 22.27 -13.15
C PHE A 427 -12.88 20.86 -13.70
N GLN A 428 -12.76 20.71 -15.01
CA GLN A 428 -12.90 19.42 -15.64
C GLN A 428 -11.56 18.71 -15.83
N THR A 429 -10.51 19.50 -16.09
CA THR A 429 -9.18 18.93 -16.30
C THR A 429 -8.07 19.68 -15.58
N GLN A 430 -6.93 19.02 -15.43
CA GLN A 430 -5.76 19.63 -14.77
C GLN A 430 -5.20 20.69 -15.70
N ALA A 431 -5.32 20.44 -17.00
CA ALA A 431 -4.82 21.38 -18.01
C ALA A 431 -5.53 22.72 -17.90
N GLU A 432 -6.79 22.69 -17.48
CA GLU A 432 -7.58 23.90 -17.34
C GLU A 432 -7.42 24.51 -15.94
N ALA A 433 -7.28 23.64 -14.93
CA ALA A 433 -7.12 24.09 -13.56
C ALA A 433 -5.74 24.67 -13.28
N LEU A 434 -4.71 24.10 -13.89
CA LEU A 434 -3.34 24.56 -13.70
C LEU A 434 -3.19 26.08 -13.80
N PRO A 435 -3.69 26.70 -14.88
CA PRO A 435 -3.58 28.15 -15.02
C PRO A 435 -4.24 28.90 -13.86
N PHE A 436 -5.32 28.34 -13.34
CA PHE A 436 -6.05 28.95 -12.23
C PHE A 436 -5.20 29.00 -10.96
N LEU A 437 -4.42 27.94 -10.73
CA LEU A 437 -3.55 27.87 -9.57
C LEU A 437 -2.35 28.81 -9.73
N ILE A 438 -1.81 28.89 -10.94
CA ILE A 438 -0.69 29.77 -11.22
C ILE A 438 -1.12 31.22 -11.04
N ASN A 439 -2.34 31.51 -11.50
CA ASN A 439 -2.89 32.85 -11.40
C ASN A 439 -3.28 33.15 -9.95
N LEU A 440 -3.80 32.14 -9.26
CA LEU A 440 -4.21 32.28 -7.86
C LEU A 440 -2.99 32.50 -6.98
N ILE A 441 -1.81 32.15 -7.50
CA ILE A 441 -0.57 32.31 -6.76
C ILE A 441 -0.27 33.79 -6.57
N GLN A 442 -0.33 34.54 -7.67
CA GLN A 442 -0.07 35.98 -7.63
C GLN A 442 -1.29 36.76 -7.16
N THR A 443 -2.45 36.09 -7.15
CA THR A 443 -3.69 36.72 -6.70
C THR A 443 -3.55 37.18 -5.25
N HIS A 444 -2.56 36.62 -4.57
CA HIS A 444 -2.32 36.97 -3.17
C HIS A 444 -0.96 37.65 -3.01
N GLN A 445 -0.34 38.01 -4.13
CA GLN A 445 0.96 38.68 -4.09
C GLN A 445 1.92 37.79 -3.30
N PRO A 446 3.09 38.32 -2.90
CA PRO A 446 4.00 37.46 -2.13
C PRO A 446 3.49 37.13 -0.73
N GLN A 447 2.72 36.05 -0.63
CA GLN A 447 2.16 35.60 0.65
C GLN A 447 2.25 34.08 0.76
N SER A 448 2.39 33.58 1.98
CA SER A 448 2.49 32.15 2.21
C SER A 448 1.17 31.44 1.89
N MET A 449 1.26 30.27 1.28
CA MET A 449 0.07 29.51 0.92
C MET A 449 0.29 28.02 1.18
N SER A 450 -0.78 27.35 1.62
CA SER A 450 -0.71 25.92 1.89
C SER A 450 -1.56 25.13 0.90
N PHE A 451 -0.89 24.36 0.05
CA PHE A 451 -1.57 23.53 -0.96
C PHE A 451 -1.70 22.08 -0.51
N LEU A 452 -2.91 21.54 -0.63
CA LEU A 452 -3.17 20.15 -0.26
C LEU A 452 -3.85 19.42 -1.41
N PHE A 453 -3.12 18.55 -2.09
CA PHE A 453 -3.65 17.79 -3.22
C PHE A 453 -4.13 16.40 -2.82
N LYS A 454 -5.41 16.14 -3.05
CA LYS A 454 -6.03 14.86 -2.71
C LYS A 454 -6.72 14.32 -3.96
N GLY A 455 -7.43 13.20 -3.83
CA GLY A 455 -8.13 12.62 -4.96
C GLY A 455 -7.84 11.15 -5.17
N SER A 456 -8.77 10.45 -5.82
CA SER A 456 -8.60 9.03 -6.08
C SER A 456 -7.40 8.78 -6.99
N ARG A 457 -6.84 7.58 -6.90
CA ARG A 457 -5.67 7.20 -7.66
C ARG A 457 -5.73 7.40 -9.17
N PHE A 458 -6.92 7.30 -9.76
CA PHE A 458 -7.06 7.44 -11.21
C PHE A 458 -6.99 8.89 -11.70
N THR A 459 -7.16 9.84 -10.80
CA THR A 459 -7.10 11.25 -11.15
C THR A 459 -5.65 11.71 -11.14
N HIS A 460 -4.77 10.85 -10.65
CA HIS A 460 -3.34 11.14 -10.55
C HIS A 460 -3.05 12.63 -10.33
N MET A 461 -3.60 13.17 -9.26
CA MET A 461 -3.44 14.58 -8.92
C MET A 461 -1.98 14.96 -8.65
N GLU A 462 -1.12 13.97 -8.44
CA GLU A 462 0.28 14.25 -8.17
C GLU A 462 0.96 14.87 -9.39
N THR A 463 0.38 14.64 -10.56
CA THR A 463 0.91 15.19 -11.80
C THR A 463 0.62 16.68 -11.83
N LEU A 464 -0.63 17.05 -11.51
CA LEU A 464 -1.02 18.46 -11.47
C LEU A 464 -0.11 19.20 -10.50
N MET A 465 0.05 18.63 -9.31
CA MET A 465 0.88 19.21 -8.27
C MET A 465 2.31 19.35 -8.77
N ALA A 466 2.79 18.34 -9.51
CA ALA A 466 4.14 18.37 -10.05
C ALA A 466 4.25 19.43 -11.14
N ASP A 467 3.18 19.57 -11.92
CA ASP A 467 3.14 20.55 -13.02
C ASP A 467 3.12 21.97 -12.46
N LEU A 468 2.47 22.16 -11.32
CA LEU A 468 2.38 23.48 -10.69
C LEU A 468 3.68 23.84 -10.00
N MET A 469 4.36 22.83 -9.46
CA MET A 469 5.63 23.05 -8.77
C MET A 469 6.77 23.27 -9.75
N GLU A 470 6.70 22.59 -10.89
CA GLU A 470 7.73 22.72 -11.91
C GLU A 470 7.67 24.11 -12.55
N LYS A 471 6.63 24.87 -12.20
CA LYS A 471 6.45 26.21 -12.73
C LYS A 471 7.28 27.23 -11.95
#